data_8KGA
#
_entry.id   8KGA
#
_cell.length_a   58.110
_cell.length_b   90.107
_cell.length_c   126.479
_cell.angle_alpha   90.000
_cell.angle_beta   90.000
_cell.angle_gamma   90.000
#
_symmetry.space_group_name_H-M   'P 21 21 21'
#
loop_
_entity.id
_entity.type
_entity.pdbx_description
1 polymer 'Dimethylallylcistransferase CPT1, chloroplastic,Dehydrodolichyl diphosphate synthase 2'
2 non-polymer DI(HYDROXYETHYL)ETHER
3 non-polymer 1,2-ETHANEDIOL
4 non-polymer 'MALONATE ION'
5 water water
#
_entity_poly.entity_id   1
_entity_poly.type   'polypeptide(L)'
_entity_poly.pdbx_seq_one_letter_code
;GASARGLNKISCSLNLQTEKLCYEDNDNDLDEELMPKHIALIMDGNRRWAKDKGLEVYEGHKHIIPKLKEICDISSKLGI
QIITAFAFSTENWKRSKEEVDFLLSLFERSLKTEFQNLAKNNVRISIIGCKSDLPMTLQKCIALTEETTKGNKGLHLVIA
LNYGGYYDILQATKSIVNKAMNGLLDVEDINKNLFDQELESKCPNPDLLIRTGGEQRVSNFLLWQLAYTEFYFTNTLFPD
FGEEDLKEAIMNFQQRHRRFGGHTY
;
_entity_poly.pdbx_strand_id   A,B
#
# COMPACT_ATOMS: atom_id res chain seq x y z
N SER A 11 -6.30 17.14 -17.44
CA SER A 11 -5.96 16.00 -18.34
C SER A 11 -6.24 14.68 -17.64
N CYS A 12 -7.24 13.94 -18.15
CA CYS A 12 -7.88 12.87 -17.41
C CYS A 12 -8.45 11.86 -18.39
N SER A 13 -7.89 10.63 -18.44
CA SER A 13 -8.41 9.61 -19.34
C SER A 13 -7.83 8.24 -19.02
N LEU A 14 -8.70 7.27 -18.72
CA LEU A 14 -8.31 5.91 -18.40
C LEU A 14 -8.98 4.91 -19.32
N ASN A 15 -9.70 5.38 -20.34
CA ASN A 15 -10.31 4.50 -21.33
C ASN A 15 -9.21 3.92 -22.23
N THR A 18 -4.63 -1.15 -20.65
CA THR A 18 -3.51 -1.81 -19.91
C THR A 18 -2.63 -0.75 -19.27
N GLU A 19 -3.21 -0.02 -18.31
CA GLU A 19 -2.56 1.11 -17.63
C GLU A 19 -1.15 0.70 -17.18
N LEU A 34 0.33 -22.43 -8.32
CA LEU A 34 1.58 -21.81 -8.84
C LEU A 34 2.48 -21.47 -7.65
N MET A 35 3.75 -21.12 -7.96
CA MET A 35 4.72 -20.71 -6.95
C MET A 35 4.89 -19.20 -7.09
N PRO A 36 5.00 -18.43 -5.98
CA PRO A 36 5.27 -16.99 -6.08
C PRO A 36 6.64 -16.73 -6.68
N LYS A 37 6.73 -15.82 -7.65
CA LYS A 37 8.01 -15.49 -8.25
C LYS A 37 8.78 -14.48 -7.39
N HIS A 38 8.09 -13.58 -6.68
CA HIS A 38 8.72 -12.53 -5.90
C HIS A 38 8.04 -12.47 -4.53
N ILE A 39 8.83 -12.62 -3.46
CA ILE A 39 8.29 -12.53 -2.10
C ILE A 39 8.87 -11.31 -1.40
N ALA A 40 8.02 -10.53 -0.73
CA ALA A 40 8.45 -9.39 0.07
C ALA A 40 8.28 -9.73 1.54
N LEU A 41 9.22 -9.27 2.39
CA LEU A 41 9.34 -9.73 3.77
C LEU A 41 9.47 -8.56 4.73
N ILE A 42 8.56 -8.49 5.71
CA ILE A 42 8.73 -7.60 6.83
C ILE A 42 9.13 -8.46 8.03
N MET A 43 10.36 -8.28 8.51
CA MET A 43 11.00 -9.24 9.39
C MET A 43 10.92 -8.74 10.83
N ASP A 44 9.70 -8.72 11.38
CA ASP A 44 9.38 -8.05 12.63
C ASP A 44 9.23 -9.10 13.75
N GLY A 45 9.37 -8.64 14.99
CA GLY A 45 9.22 -9.48 16.17
C GLY A 45 10.54 -9.82 16.86
N ASN A 46 11.66 -9.22 16.43
CA ASN A 46 12.97 -9.54 16.97
C ASN A 46 13.11 -9.01 18.39
N ARG A 47 12.59 -7.81 18.64
CA ARG A 47 12.71 -7.20 19.96
C ARG A 47 11.80 -7.93 20.95
N ARG A 48 10.60 -8.30 20.50
CA ARG A 48 9.67 -9.04 21.32
C ARG A 48 10.29 -10.41 21.69
N TRP A 49 10.92 -11.07 20.72
CA TRP A 49 11.60 -12.35 20.94
C TRP A 49 12.67 -12.20 22.01
N ALA A 50 13.44 -11.12 21.95
CA ALA A 50 14.49 -10.87 22.92
C ALA A 50 13.91 -10.70 24.33
N LYS A 51 12.75 -10.03 24.43
CA LYS A 51 12.10 -9.82 25.73
C LYS A 51 11.73 -11.16 26.37
N ASP A 52 11.01 -12.00 25.62
CA ASP A 52 10.52 -13.27 26.12
C ASP A 52 11.64 -14.26 26.48
N LYS A 53 12.91 -13.91 26.29
CA LYS A 53 14.01 -14.82 26.56
C LYS A 53 15.07 -14.18 27.47
N GLY A 54 14.72 -13.03 28.06
CA GLY A 54 15.59 -12.37 29.02
C GLY A 54 16.89 -11.81 28.41
N LEU A 55 16.96 -11.72 27.08
CA LEU A 55 18.14 -11.17 26.42
C LEU A 55 18.11 -9.65 26.51
N GLU A 56 19.21 -9.04 26.09
CA GLU A 56 19.30 -7.61 25.82
C GLU A 56 18.34 -7.26 24.68
N VAL A 57 17.84 -6.02 24.66
CA VAL A 57 16.72 -5.67 23.80
C VAL A 57 17.08 -5.85 22.33
N TYR A 58 18.35 -5.61 21.95
CA TYR A 58 18.75 -5.63 20.54
C TYR A 58 19.53 -6.89 20.16
N GLU A 59 19.50 -7.93 20.99
CA GLU A 59 20.22 -9.15 20.66
C GLU A 59 19.44 -9.99 19.63
N GLY A 60 18.11 -9.86 19.62
CA GLY A 60 17.29 -10.47 18.58
C GLY A 60 17.69 -10.05 17.16
N HIS A 61 18.21 -8.82 17.02
CA HIS A 61 18.56 -8.31 15.71
C HIS A 61 19.77 -9.03 15.13
N LYS A 62 20.55 -9.68 16.00
CA LYS A 62 21.74 -10.38 15.53
C LYS A 62 21.39 -11.63 14.74
N HIS A 63 20.12 -12.06 14.79
CA HIS A 63 19.66 -13.25 14.08
C HIS A 63 19.13 -12.92 12.68
N ILE A 64 18.97 -11.64 12.34
CA ILE A 64 18.18 -11.23 11.19
C ILE A 64 18.86 -11.69 9.90
N ILE A 65 20.10 -11.27 9.65
CA ILE A 65 20.75 -11.61 8.38
C ILE A 65 21.01 -13.12 8.27
N PRO A 66 21.48 -13.82 9.33
CA PRO A 66 21.53 -15.28 9.29
C PRO A 66 20.22 -15.95 8.94
N LYS A 67 19.11 -15.57 9.59
CA LYS A 67 17.80 -16.13 9.26
C LYS A 67 17.43 -15.86 7.79
N LEU A 68 17.73 -14.67 7.29
CA LEU A 68 17.39 -14.30 5.93
C LEU A 68 18.14 -15.18 4.94
N LYS A 69 19.42 -15.45 5.23
CA LYS A 69 20.21 -16.34 4.39
C LYS A 69 19.56 -17.72 4.33
N GLU A 70 19.11 -18.22 5.48
CA GLU A 70 18.42 -19.51 5.57
C GLU A 70 17.14 -19.46 4.72
N ILE A 71 16.34 -18.39 4.85
CA ILE A 71 15.09 -18.28 4.10
C ILE A 71 15.39 -18.22 2.60
N CYS A 72 16.43 -17.48 2.21
CA CYS A 72 16.85 -17.45 0.82
C CYS A 72 17.14 -18.86 0.29
N ASP A 73 17.79 -19.72 1.09
CA ASP A 73 18.23 -21.01 0.59
C ASP A 73 17.03 -21.92 0.38
N ILE A 74 16.12 -21.98 1.35
CA ILE A 74 14.88 -22.72 1.19
C ILE A 74 14.11 -22.20 -0.02
N SER A 75 13.99 -20.88 -0.14
CA SER A 75 13.20 -20.29 -1.21
C SER A 75 13.81 -20.62 -2.57
N SER A 76 15.14 -20.52 -2.67
CA SER A 76 15.84 -20.81 -3.90
C SER A 76 15.55 -22.24 -4.37
N LYS A 77 15.53 -23.20 -3.43
CA LYS A 77 15.28 -24.59 -3.78
C LYS A 77 13.82 -24.80 -4.19
N LEU A 78 12.89 -23.91 -3.80
CA LEU A 78 11.50 -24.08 -4.21
C LEU A 78 11.22 -23.43 -5.55
N GLY A 79 12.19 -22.69 -6.12
CA GLY A 79 12.00 -22.00 -7.38
C GLY A 79 11.54 -20.54 -7.25
N ILE A 80 11.52 -19.97 -6.02
CA ILE A 80 11.28 -18.55 -5.85
C ILE A 80 12.49 -17.78 -6.37
N GLN A 81 12.24 -16.67 -7.07
CA GLN A 81 13.28 -15.99 -7.84
C GLN A 81 13.78 -14.69 -7.20
N ILE A 82 12.94 -13.99 -6.43
CA ILE A 82 13.26 -12.68 -5.88
C ILE A 82 12.74 -12.60 -4.45
N ILE A 83 13.55 -12.03 -3.56
CA ILE A 83 13.07 -11.67 -2.24
C ILE A 83 13.50 -10.24 -1.92
N THR A 84 12.50 -9.42 -1.52
CA THR A 84 12.76 -8.07 -1.04
C THR A 84 12.48 -8.02 0.45
N ALA A 85 13.47 -7.62 1.24
CA ALA A 85 13.38 -7.68 2.69
C ALA A 85 13.60 -6.29 3.30
N PHE A 86 12.82 -5.97 4.34
CA PHE A 86 12.81 -4.65 4.97
C PHE A 86 13.79 -4.61 6.15
N ALA A 87 14.99 -4.07 5.93
CA ALA A 87 16.02 -4.11 6.94
C ALA A 87 16.08 -2.84 7.80
N PHE A 88 16.00 -1.65 7.19
CA PHE A 88 16.12 -0.40 7.93
C PHE A 88 15.17 0.66 7.33
N SER A 89 14.15 1.04 8.07
CA SER A 89 13.11 1.93 7.57
C SER A 89 13.56 3.37 7.70
N THR A 90 13.13 4.22 6.77
CA THR A 90 13.36 5.66 6.88
C THR A 90 12.78 6.22 8.19
N GLU A 91 11.87 5.49 8.83
CA GLU A 91 11.31 5.91 10.10
C GLU A 91 12.25 5.67 11.29
N ASN A 92 13.26 4.80 11.13
CA ASN A 92 14.16 4.47 12.23
C ASN A 92 15.00 5.67 12.66
N TRP A 93 15.16 6.67 11.78
CA TRP A 93 15.91 7.86 12.13
C TRP A 93 15.29 8.59 13.32
N LYS A 94 14.01 8.33 13.62
CA LYS A 94 13.36 9.01 14.72
C LYS A 94 13.76 8.42 16.06
N ARG A 95 14.49 7.29 16.07
CA ARG A 95 14.97 6.69 17.31
C ARG A 95 16.15 7.51 17.84
N SER A 96 16.63 7.11 19.03
CA SER A 96 17.79 7.78 19.62
C SER A 96 19.03 7.56 18.77
N LYS A 97 19.99 8.47 18.88
CA LYS A 97 21.26 8.37 18.19
C LYS A 97 21.93 7.03 18.50
N GLU A 98 21.83 6.58 19.76
CA GLU A 98 22.49 5.34 20.16
C GLU A 98 21.89 4.16 19.41
N GLU A 99 20.55 4.11 19.32
CA GLU A 99 19.87 3.01 18.66
C GLU A 99 20.26 2.95 17.19
N VAL A 100 20.35 4.13 16.55
CA VAL A 100 20.64 4.20 15.13
C VAL A 100 22.07 3.71 14.86
N ASP A 101 23.04 4.21 15.63
CA ASP A 101 24.43 3.87 15.42
C ASP A 101 24.63 2.36 15.62
N PHE A 102 23.90 1.78 16.56
CA PHE A 102 24.00 0.35 16.81
C PHE A 102 23.44 -0.45 15.64
N LEU A 103 22.25 -0.06 15.13
CA LEU A 103 21.58 -0.81 14.07
C LEU A 103 22.39 -0.74 12.78
N LEU A 104 22.96 0.42 12.45
CA LEU A 104 23.73 0.52 11.21
C LEU A 104 25.06 -0.22 11.34
N SER A 105 25.64 -0.20 12.53
CA SER A 105 26.88 -0.92 12.79
C SER A 105 26.62 -2.43 12.76
N LEU A 106 25.53 -2.87 13.39
CA LEU A 106 25.19 -4.27 13.40
C LEU A 106 24.94 -4.77 11.98
N PHE A 107 24.31 -3.94 11.14
CA PHE A 107 24.00 -4.38 9.79
C PHE A 107 25.27 -4.50 8.96
N GLU A 108 26.20 -3.54 9.09
CA GLU A 108 27.47 -3.66 8.38
C GLU A 108 28.22 -4.94 8.82
N ARG A 109 28.21 -5.24 10.13
CA ARG A 109 28.89 -6.40 10.68
C ARG A 109 28.27 -7.70 10.15
N SER A 110 26.94 -7.83 10.22
CA SER A 110 26.24 -8.99 9.73
C SER A 110 26.50 -9.20 8.24
N LEU A 111 26.48 -8.12 7.47
CA LEU A 111 26.65 -8.23 6.03
C LEU A 111 28.07 -8.66 5.69
N LYS A 112 29.07 -8.16 6.42
CA LYS A 112 30.45 -8.52 6.17
C LYS A 112 30.72 -9.98 6.50
N THR A 113 29.99 -10.50 7.50
CA THR A 113 30.16 -11.87 7.92
C THR A 113 29.51 -12.85 6.93
N GLU A 114 28.44 -12.43 6.23
CA GLU A 114 27.58 -13.36 5.53
C GLU A 114 27.69 -13.23 4.01
N PHE A 115 28.35 -12.21 3.46
CA PHE A 115 28.16 -11.99 2.02
C PHE A 115 28.85 -13.11 1.19
N GLN A 116 29.97 -13.64 1.65
CA GLN A 116 30.64 -14.71 0.93
C GLN A 116 29.82 -15.98 1.00
N ASN A 117 29.28 -16.27 2.19
CA ASN A 117 28.35 -17.38 2.35
C ASN A 117 27.19 -17.26 1.37
N LEU A 118 26.65 -16.04 1.20
CA LEU A 118 25.51 -15.87 0.33
C LEU A 118 25.90 -16.09 -1.13
N ALA A 119 27.04 -15.52 -1.53
CA ALA A 119 27.59 -15.76 -2.87
C ALA A 119 27.79 -17.25 -3.16
N LYS A 120 28.28 -17.99 -2.16
N LYS A 120 28.26 -18.00 -2.16
CA LYS A 120 28.46 -19.42 -2.31
CA LYS A 120 28.47 -19.44 -2.35
C LYS A 120 27.14 -20.14 -2.58
C LYS A 120 27.14 -20.16 -2.53
N ASN A 121 26.01 -19.57 -2.16
CA ASN A 121 24.69 -20.15 -2.43
C ASN A 121 24.14 -19.60 -3.74
N ASN A 122 24.98 -18.89 -4.52
CA ASN A 122 24.59 -18.35 -5.81
C ASN A 122 23.62 -17.17 -5.71
N VAL A 123 23.57 -16.46 -4.57
CA VAL A 123 22.64 -15.35 -4.44
C VAL A 123 23.22 -14.06 -5.05
N ARG A 124 22.38 -13.31 -5.76
CA ARG A 124 22.75 -11.98 -6.20
C ARG A 124 22.13 -10.94 -5.27
N ILE A 125 22.90 -9.90 -4.89
CA ILE A 125 22.52 -9.00 -3.82
C ILE A 125 22.49 -7.57 -4.34
N SER A 126 21.35 -6.88 -4.10
CA SER A 126 21.18 -5.45 -4.34
C SER A 126 20.68 -4.77 -3.07
N ILE A 127 21.02 -3.49 -2.92
CA ILE A 127 20.49 -2.61 -1.88
C ILE A 127 19.64 -1.52 -2.53
N ILE A 128 18.45 -1.28 -1.97
CA ILE A 128 17.68 -0.11 -2.33
C ILE A 128 17.51 0.76 -1.10
N GLY A 129 17.40 2.07 -1.35
CA GLY A 129 17.36 3.07 -0.31
C GLY A 129 18.39 4.15 -0.56
N CYS A 130 18.39 5.15 0.31
CA CYS A 130 19.27 6.30 0.16
C CYS A 130 20.61 6.00 0.81
N LYS A 131 21.57 5.58 -0.02
N LYS A 131 21.56 5.58 -0.02
CA LYS A 131 22.90 5.17 0.42
CA LYS A 131 22.90 5.18 0.44
C LYS A 131 23.77 6.35 0.88
C LYS A 131 23.66 6.37 1.01
N SER A 132 23.49 7.57 0.45
CA SER A 132 24.32 8.73 0.80
C SER A 132 24.20 9.13 2.27
N ASP A 133 23.09 8.79 2.95
CA ASP A 133 22.97 9.05 4.39
C ASP A 133 23.74 8.01 5.25
N LEU A 134 24.26 6.94 4.67
CA LEU A 134 24.82 5.89 5.51
C LEU A 134 26.29 6.19 5.82
N PRO A 135 26.84 5.66 6.93
CA PRO A 135 28.30 5.71 7.16
C PRO A 135 29.09 5.25 5.95
N MET A 136 30.25 5.87 5.74
CA MET A 136 31.03 5.59 4.54
C MET A 136 31.56 4.15 4.52
N THR A 137 31.89 3.57 5.68
CA THR A 137 32.28 2.17 5.68
C THR A 137 31.14 1.27 5.23
N LEU A 138 29.89 1.61 5.60
CA LEU A 138 28.76 0.79 5.18
C LEU A 138 28.53 0.95 3.68
N GLN A 139 28.72 2.16 3.15
CA GLN A 139 28.65 2.35 1.71
C GLN A 139 29.69 1.49 0.98
N LYS A 140 30.92 1.44 1.47
CA LYS A 140 31.96 0.65 0.83
C LYS A 140 31.59 -0.82 0.84
N CYS A 141 31.10 -1.31 1.99
CA CYS A 141 30.73 -2.70 2.14
C CYS A 141 29.58 -3.06 1.19
N ILE A 142 28.65 -2.12 0.96
CA ILE A 142 27.53 -2.35 0.05
C ILE A 142 28.02 -2.50 -1.38
N ALA A 143 28.92 -1.60 -1.82
CA ALA A 143 29.48 -1.68 -3.17
C ALA A 143 30.22 -3.00 -3.40
N LEU A 144 30.99 -3.47 -2.40
CA LEU A 144 31.72 -4.72 -2.50
C LEU A 144 30.73 -5.88 -2.63
N THR A 145 29.68 -5.86 -1.81
CA THR A 145 28.68 -6.91 -1.83
C THR A 145 28.05 -7.00 -3.22
N GLU A 146 27.75 -5.85 -3.82
CA GLU A 146 27.04 -5.82 -5.08
C GLU A 146 27.90 -6.39 -6.21
N GLU A 147 29.19 -6.05 -6.26
CA GLU A 147 30.05 -6.45 -7.36
C GLU A 147 30.40 -7.93 -7.28
N THR A 148 30.71 -8.42 -6.08
CA THR A 148 31.03 -9.82 -5.88
C THR A 148 29.90 -10.72 -6.39
N THR A 149 28.64 -10.27 -6.28
CA THR A 149 27.50 -11.16 -6.45
C THR A 149 26.73 -10.86 -7.73
N LYS A 150 27.13 -9.83 -8.49
CA LYS A 150 26.30 -9.41 -9.60
C LYS A 150 26.39 -10.38 -10.77
N GLY A 151 27.27 -11.37 -10.71
CA GLY A 151 27.33 -12.41 -11.74
C GLY A 151 26.42 -13.59 -11.44
N ASN A 152 25.96 -13.70 -10.19
CA ASN A 152 25.23 -14.88 -9.75
C ASN A 152 23.87 -14.96 -10.45
N LYS A 153 23.46 -16.21 -10.72
CA LYS A 153 22.25 -16.47 -11.49
C LYS A 153 21.22 -17.19 -10.63
N GLY A 154 21.45 -17.27 -9.32
CA GLY A 154 20.45 -17.80 -8.40
C GLY A 154 19.47 -16.71 -7.96
N LEU A 155 18.95 -16.87 -6.75
CA LEU A 155 17.95 -15.98 -6.18
C LEU A 155 18.50 -14.57 -6.02
N HIS A 156 17.65 -13.59 -6.39
CA HIS A 156 17.99 -12.18 -6.31
C HIS A 156 17.46 -11.64 -4.98
N LEU A 157 18.38 -11.24 -4.09
CA LEU A 157 18.02 -10.73 -2.79
C LEU A 157 18.19 -9.22 -2.80
N VAL A 158 17.09 -8.51 -2.53
CA VAL A 158 17.05 -7.05 -2.48
C VAL A 158 16.84 -6.63 -1.03
N ILE A 159 17.83 -5.93 -0.47
CA ILE A 159 17.78 -5.49 0.92
C ILE A 159 17.43 -4.01 0.97
N ALA A 160 16.29 -3.69 1.62
CA ALA A 160 15.80 -2.32 1.69
C ALA A 160 16.38 -1.68 2.95
N LEU A 161 17.27 -0.71 2.74
CA LEU A 161 18.10 -0.14 3.80
C LEU A 161 18.05 1.37 3.66
N ASN A 162 17.46 2.05 4.66
CA ASN A 162 17.14 3.47 4.55
C ASN A 162 16.14 3.69 3.41
N TYR A 163 15.04 2.95 3.48
CA TYR A 163 14.05 2.87 2.42
C TYR A 163 12.65 3.00 3.02
N GLY A 164 11.72 3.51 2.22
CA GLY A 164 10.31 3.51 2.53
C GLY A 164 9.46 3.79 1.30
N GLY A 165 8.18 3.42 1.39
CA GLY A 165 7.23 3.64 0.31
C GLY A 165 7.10 5.09 -0.14
N TYR A 166 6.96 6.02 0.81
CA TYR A 166 6.87 7.43 0.47
C TYR A 166 8.14 7.89 -0.25
N TYR A 167 9.30 7.48 0.27
CA TYR A 167 10.60 7.86 -0.27
C TYR A 167 10.72 7.47 -1.75
N ASP A 168 10.30 6.24 -2.08
CA ASP A 168 10.47 5.73 -3.43
C ASP A 168 9.63 6.57 -4.40
N ILE A 169 8.36 6.84 -4.04
CA ILE A 169 7.46 7.63 -4.87
C ILE A 169 7.99 9.06 -5.04
N LEU A 170 8.54 9.64 -3.95
CA LEU A 170 9.04 11.01 -4.00
C LEU A 170 10.30 11.14 -4.87
N GLN A 171 11.27 10.21 -4.76
N GLN A 171 11.26 10.22 -4.74
CA GLN A 171 12.47 10.31 -5.56
CA GLN A 171 12.47 10.29 -5.55
C GLN A 171 12.12 10.11 -7.03
C GLN A 171 12.11 10.11 -7.02
N ALA A 172 11.15 9.23 -7.33
CA ALA A 172 10.70 9.06 -8.70
C ALA A 172 10.07 10.36 -9.21
N THR A 173 9.29 11.05 -8.34
CA THR A 173 8.66 12.32 -8.74
C THR A 173 9.74 13.38 -9.03
N LYS A 174 10.72 13.52 -8.14
CA LYS A 174 11.78 14.51 -8.31
C LYS A 174 12.53 14.25 -9.62
N SER A 175 12.80 12.97 -9.90
CA SER A 175 13.51 12.60 -11.11
C SER A 175 12.71 13.02 -12.34
N ILE A 176 11.40 12.79 -12.33
CA ILE A 176 10.57 13.14 -13.47
C ILE A 176 10.52 14.66 -13.61
N VAL A 177 10.41 15.37 -12.50
CA VAL A 177 10.35 16.83 -12.55
C VAL A 177 11.65 17.36 -13.15
N ASN A 178 12.78 16.78 -12.76
CA ASN A 178 14.07 17.23 -13.26
C ASN A 178 14.15 17.02 -14.78
N LYS A 179 13.68 15.88 -15.29
CA LYS A 179 13.70 15.63 -16.72
C LYS A 179 12.81 16.65 -17.45
N ALA A 180 11.60 16.92 -16.94
CA ALA A 180 10.71 17.89 -17.59
C ALA A 180 11.37 19.27 -17.66
N MET A 181 12.08 19.69 -16.60
CA MET A 181 12.75 20.97 -16.57
C MET A 181 13.79 21.09 -17.69
N ASN A 182 14.42 19.95 -18.04
CA ASN A 182 15.53 19.92 -18.99
C ASN A 182 15.07 19.62 -20.41
N GLY A 183 13.75 19.59 -20.62
CA GLY A 183 13.18 19.43 -21.94
C GLY A 183 13.19 18.00 -22.46
N LEU A 184 13.24 16.99 -21.58
CA LEU A 184 13.32 15.59 -22.00
C LEU A 184 11.97 14.86 -21.95
N LEU A 185 10.90 15.52 -21.51
CA LEU A 185 9.56 14.92 -21.55
C LEU A 185 8.48 15.96 -21.28
N ASP A 186 7.26 15.62 -21.69
CA ASP A 186 6.09 16.45 -21.52
C ASP A 186 5.20 15.80 -20.45
N VAL A 187 4.31 16.62 -19.87
CA VAL A 187 3.32 16.16 -18.90
C VAL A 187 2.53 14.96 -19.45
N GLU A 188 2.26 14.92 -20.75
CA GLU A 188 1.42 13.88 -21.36
C GLU A 188 2.14 12.53 -21.41
N ASP A 189 3.47 12.51 -21.26
CA ASP A 189 4.24 11.29 -21.29
C ASP A 189 4.21 10.56 -19.95
N ILE A 190 3.63 11.16 -18.90
CA ILE A 190 3.67 10.58 -17.57
C ILE A 190 2.57 9.54 -17.49
N ASN A 191 2.98 8.27 -17.39
CA ASN A 191 2.09 7.12 -17.35
C ASN A 191 2.67 6.06 -16.40
N LYS A 192 1.96 4.95 -16.25
CA LYS A 192 2.33 3.89 -15.31
C LYS A 192 3.72 3.33 -15.63
N ASN A 193 4.04 3.14 -16.92
CA ASN A 193 5.33 2.62 -17.30
C ASN A 193 6.46 3.60 -17.00
N LEU A 194 6.26 4.88 -17.30
CA LEU A 194 7.28 5.87 -17.01
C LEU A 194 7.57 5.89 -15.51
N PHE A 195 6.53 5.90 -14.67
CA PHE A 195 6.72 6.01 -13.24
C PHE A 195 7.44 4.79 -12.71
N ASP A 196 7.07 3.60 -13.23
CA ASP A 196 7.65 2.35 -12.77
C ASP A 196 9.17 2.29 -12.96
N GLN A 197 9.68 2.77 -14.10
CA GLN A 197 11.10 2.72 -14.39
C GLN A 197 11.89 3.75 -13.57
N GLU A 198 11.22 4.70 -12.91
CA GLU A 198 11.94 5.65 -12.05
C GLU A 198 12.02 5.19 -10.59
N LEU A 199 11.23 4.19 -10.20
CA LEU A 199 11.24 3.69 -8.83
C LEU A 199 12.44 2.76 -8.62
N GLU A 200 12.85 2.58 -7.35
CA GLU A 200 13.98 1.72 -7.01
C GLU A 200 13.58 0.25 -6.94
N SER A 201 12.37 -0.06 -6.46
CA SER A 201 11.83 -1.42 -6.52
C SER A 201 10.90 -1.50 -7.73
N LYS A 202 11.30 -2.25 -8.76
CA LYS A 202 10.64 -2.17 -10.05
C LYS A 202 9.90 -3.48 -10.35
N CYS A 203 9.17 -3.48 -11.47
CA CYS A 203 8.53 -4.67 -12.01
C CYS A 203 9.56 -5.77 -12.24
N PRO A 204 9.26 -7.05 -11.97
CA PRO A 204 7.98 -7.51 -11.45
C PRO A 204 7.80 -7.41 -9.93
N ASN A 205 6.60 -7.01 -9.52
CA ASN A 205 6.29 -6.65 -8.15
C ASN A 205 6.07 -7.91 -7.34
N PRO A 206 6.05 -7.82 -5.99
CA PRO A 206 5.82 -9.01 -5.16
C PRO A 206 4.43 -9.61 -5.37
N ASP A 207 4.41 -10.94 -5.56
CA ASP A 207 3.18 -11.71 -5.57
C ASP A 207 2.68 -11.97 -4.15
N LEU A 208 3.58 -12.05 -3.18
CA LEU A 208 3.23 -12.41 -1.81
C LEU A 208 4.06 -11.54 -0.86
N LEU A 209 3.42 -11.07 0.21
CA LEU A 209 4.06 -10.34 1.28
C LEU A 209 3.83 -11.10 2.56
N ILE A 210 4.91 -11.37 3.31
CA ILE A 210 4.83 -12.03 4.59
C ILE A 210 5.31 -11.05 5.66
N ARG A 211 4.51 -10.84 6.69
CA ARG A 211 4.96 -10.08 7.85
C ARG A 211 4.87 -10.94 9.11
N THR A 212 6.01 -11.15 9.77
CA THR A 212 6.07 -11.86 11.03
C THR A 212 5.85 -10.90 12.19
N GLY A 213 5.41 -11.45 13.33
CA GLY A 213 5.34 -10.69 14.57
C GLY A 213 3.94 -10.20 14.95
N GLY A 214 2.89 -10.54 14.18
CA GLY A 214 1.52 -10.30 14.59
C GLY A 214 0.82 -9.04 14.06
N GLU A 215 1.56 -7.94 13.77
CA GLU A 215 0.93 -6.70 13.34
C GLU A 215 0.38 -6.85 11.93
N GLN A 216 -0.75 -6.18 11.61
CA GLN A 216 -1.38 -6.37 10.30
C GLN A 216 -1.42 -5.05 9.52
N ARG A 217 -0.21 -4.48 9.28
CA ARG A 217 -0.01 -3.24 8.54
C ARG A 217 1.21 -3.43 7.64
N VAL A 218 1.43 -2.51 6.70
CA VAL A 218 2.63 -2.52 5.85
C VAL A 218 3.70 -1.53 6.34
N SER A 219 3.37 -0.64 7.27
CA SER A 219 4.34 0.25 7.87
C SER A 219 5.27 0.93 6.85
N ASN A 220 4.71 1.46 5.75
CA ASN A 220 5.45 2.25 4.77
C ASN A 220 6.61 1.47 4.15
N PHE A 221 6.43 0.16 3.95
CA PHE A 221 7.42 -0.66 3.29
C PHE A 221 7.39 -0.32 1.79
N LEU A 222 6.49 -0.94 1.05
CA LEU A 222 6.27 -0.60 -0.33
C LEU A 222 4.80 -0.14 -0.42
N LEU A 223 4.52 0.86 -1.26
CA LEU A 223 3.15 1.29 -1.45
C LEU A 223 2.76 1.01 -2.89
N TRP A 224 3.45 1.62 -3.87
CA TRP A 224 3.10 1.47 -5.27
C TRP A 224 3.20 0.01 -5.72
N GLN A 225 4.22 -0.68 -5.22
CA GLN A 225 4.55 -2.03 -5.64
C GLN A 225 3.57 -3.07 -5.08
N LEU A 226 2.74 -2.74 -4.09
CA LEU A 226 1.87 -3.72 -3.47
C LEU A 226 0.45 -3.70 -4.04
N ALA A 227 0.22 -3.07 -5.20
CA ALA A 227 -1.13 -2.89 -5.70
C ALA A 227 -1.92 -4.21 -5.74
N TYR A 228 -1.27 -5.31 -6.16
CA TYR A 228 -2.01 -6.56 -6.36
C TYR A 228 -1.43 -7.71 -5.52
N THR A 229 -0.52 -7.39 -4.60
CA THR A 229 0.14 -8.37 -3.76
C THR A 229 -0.85 -9.03 -2.79
N GLU A 230 -0.66 -10.34 -2.60
CA GLU A 230 -1.31 -11.11 -1.54
C GLU A 230 -0.63 -10.84 -0.20
N PHE A 231 -1.44 -10.65 0.85
CA PHE A 231 -0.91 -10.40 2.18
C PHE A 231 -1.09 -11.63 3.07
N TYR A 232 0.00 -12.00 3.76
CA TYR A 232 0.01 -13.09 4.72
C TYR A 232 0.63 -12.58 6.02
N PHE A 233 -0.15 -12.60 7.10
CA PHE A 233 0.32 -12.20 8.42
C PHE A 233 0.41 -13.44 9.33
N THR A 234 1.45 -13.50 10.17
CA THR A 234 1.57 -14.57 11.16
C THR A 234 2.09 -13.99 12.45
N ASN A 235 1.69 -14.64 13.55
CA ASN A 235 2.12 -14.27 14.90
C ASN A 235 3.52 -14.79 15.19
N THR A 236 4.06 -15.67 14.33
CA THR A 236 5.39 -16.21 14.57
C THR A 236 6.39 -15.05 14.61
N LEU A 237 7.26 -15.02 15.62
CA LEU A 237 8.33 -14.03 15.70
C LEU A 237 9.44 -14.39 14.70
N PHE A 238 10.11 -13.37 14.12
CA PHE A 238 11.02 -13.63 13.01
C PHE A 238 12.11 -14.64 13.39
N PRO A 239 12.80 -14.52 14.53
CA PRO A 239 13.88 -15.47 14.83
C PRO A 239 13.44 -16.93 14.96
N ASP A 240 12.13 -17.19 15.14
CA ASP A 240 11.59 -18.54 15.19
C ASP A 240 11.00 -18.97 13.85
N PHE A 241 11.30 -18.25 12.76
CA PHE A 241 10.61 -18.47 11.49
C PHE A 241 11.36 -19.54 10.70
N GLY A 242 10.74 -20.70 10.46
CA GLY A 242 11.46 -21.81 9.87
C GLY A 242 10.89 -22.25 8.53
N GLU A 243 11.45 -23.33 8.01
CA GLU A 243 11.02 -23.92 6.75
C GLU A 243 9.53 -24.27 6.77
N GLU A 244 9.05 -24.78 7.91
CA GLU A 244 7.66 -25.16 8.01
C GLU A 244 6.79 -23.91 7.89
N ASP A 245 7.15 -22.85 8.63
CA ASP A 245 6.40 -21.59 8.63
C ASP A 245 6.34 -21.03 7.21
N LEU A 246 7.45 -21.12 6.47
CA LEU A 246 7.49 -20.66 5.09
C LEU A 246 6.57 -21.50 4.21
N LYS A 247 6.55 -22.82 4.46
CA LYS A 247 5.77 -23.71 3.63
C LYS A 247 4.28 -23.48 3.84
N GLU A 248 3.89 -23.20 5.09
CA GLU A 248 2.51 -22.83 5.33
C GLU A 248 2.14 -21.60 4.49
N ALA A 249 3.01 -20.58 4.52
CA ALA A 249 2.73 -19.34 3.81
C ALA A 249 2.53 -19.59 2.32
N ILE A 250 3.37 -20.45 1.73
CA ILE A 250 3.26 -20.75 0.31
C ILE A 250 2.04 -21.62 0.04
N MET A 251 1.78 -22.60 0.92
CA MET A 251 0.61 -23.46 0.77
C MET A 251 -0.66 -22.60 0.79
N ASN A 252 -0.68 -21.66 1.75
CA ASN A 252 -1.77 -20.71 1.90
C ASN A 252 -1.95 -19.91 0.60
N PHE A 253 -0.84 -19.45 0.02
CA PHE A 253 -0.87 -18.68 -1.21
C PHE A 253 -1.46 -19.49 -2.36
N GLN A 254 -1.09 -20.77 -2.45
CA GLN A 254 -1.50 -21.62 -3.55
C GLN A 254 -3.02 -21.79 -3.58
N GLN A 255 -3.62 -21.91 -2.39
CA GLN A 255 -5.04 -22.18 -2.30
C GLN A 255 -5.85 -20.89 -2.42
N ARG A 256 -5.26 -19.84 -3.01
CA ARG A 256 -6.01 -18.64 -3.35
C ARG A 256 -6.10 -18.57 -4.88
N LYS B 9 22.40 15.39 -10.46
CA LYS B 9 22.42 15.06 -9.00
C LYS B 9 21.10 15.50 -8.37
N ILE B 10 20.25 14.51 -8.04
CA ILE B 10 19.12 14.71 -7.16
C ILE B 10 19.45 14.04 -5.83
N SER B 11 19.19 14.74 -4.73
CA SER B 11 19.66 14.32 -3.43
C SER B 11 18.57 13.52 -2.71
N CYS B 12 18.96 12.87 -1.61
CA CYS B 12 18.04 12.38 -0.60
C CYS B 12 18.55 12.73 0.80
N SER B 13 17.63 13.06 1.71
CA SER B 13 18.00 13.43 3.07
C SER B 13 16.82 13.11 3.98
N LEU B 14 16.85 11.91 4.54
CA LEU B 14 15.74 11.39 5.31
C LEU B 14 16.00 11.58 6.81
N ASN B 15 17.28 11.42 7.20
CA ASN B 15 17.72 11.73 8.54
C ASN B 15 17.37 13.17 8.91
N LEU B 16 17.22 14.05 7.91
CA LEU B 16 16.84 15.44 8.13
C LEU B 16 15.33 15.62 7.99
N GLN B 17 14.87 15.94 6.77
CA GLN B 17 13.47 16.13 6.42
C GLN B 17 12.58 15.09 7.13
N THR B 18 11.87 15.55 8.17
CA THR B 18 10.99 14.69 8.95
C THR B 18 9.54 15.13 8.74
N GLU B 19 8.60 14.17 8.86
CA GLU B 19 7.21 14.36 8.49
C GLU B 19 6.37 14.46 9.77
N CYS B 22 -1.28 11.29 10.02
CA CYS B 22 -2.58 11.30 9.28
C CYS B 22 -3.33 9.96 9.44
N LEU B 34 -10.56 3.91 21.86
CA LEU B 34 -10.11 4.57 20.61
C LEU B 34 -10.92 4.04 19.42
N MET B 35 -11.63 4.97 18.75
CA MET B 35 -12.51 4.62 17.65
C MET B 35 -11.81 5.07 16.36
N PRO B 36 -11.86 4.25 15.28
CA PRO B 36 -11.35 4.70 13.98
C PRO B 36 -12.07 5.94 13.46
N LYS B 37 -11.30 6.97 13.11
CA LYS B 37 -11.85 8.19 12.59
C LYS B 37 -12.20 8.05 11.10
N HIS B 38 -11.43 7.23 10.36
CA HIS B 38 -11.61 7.07 8.93
C HIS B 38 -11.54 5.58 8.59
N ILE B 39 -12.59 5.06 7.96
CA ILE B 39 -12.65 3.66 7.56
C ILE B 39 -12.74 3.60 6.04
N ALA B 40 -11.92 2.72 5.45
CA ALA B 40 -11.96 2.48 4.01
C ALA B 40 -12.60 1.13 3.74
N LEU B 41 -13.28 0.99 2.59
CA LEU B 41 -14.15 -0.16 2.33
C LEU B 41 -13.97 -0.69 0.92
N ILE B 42 -13.67 -1.99 0.81
CA ILE B 42 -13.71 -2.68 -0.46
C ILE B 42 -14.87 -3.66 -0.41
N MET B 43 -15.90 -3.39 -1.23
CA MET B 43 -17.21 -3.98 -1.03
C MET B 43 -17.40 -5.15 -1.99
N ASP B 44 -16.68 -6.23 -1.72
CA ASP B 44 -16.56 -7.37 -2.64
C ASP B 44 -17.41 -8.53 -2.12
N GLY B 45 -17.80 -9.40 -3.06
CA GLY B 45 -18.55 -10.60 -2.75
C GLY B 45 -19.97 -10.58 -3.30
N ASN B 46 -20.32 -9.63 -4.17
CA ASN B 46 -21.70 -9.50 -4.62
C ASN B 46 -22.03 -10.54 -5.69
N ARG B 47 -21.07 -10.80 -6.59
CA ARG B 47 -21.25 -11.81 -7.62
C ARG B 47 -21.28 -13.20 -6.99
N ARG B 48 -20.49 -13.44 -5.94
CA ARG B 48 -20.50 -14.71 -5.24
C ARG B 48 -21.85 -14.89 -4.53
N TRP B 49 -22.29 -13.86 -3.80
CA TRP B 49 -23.56 -13.90 -3.09
C TRP B 49 -24.70 -14.21 -4.05
N ALA B 50 -24.52 -13.86 -5.34
CA ALA B 50 -25.52 -14.17 -6.35
C ALA B 50 -25.39 -15.61 -6.87
N LYS B 51 -24.16 -16.14 -6.99
CA LYS B 51 -23.96 -17.52 -7.44
C LYS B 51 -24.56 -18.48 -6.40
N ASP B 52 -24.12 -18.34 -5.15
CA ASP B 52 -24.89 -18.84 -4.03
C ASP B 52 -26.23 -18.12 -4.09
N LYS B 53 -27.32 -18.88 -3.91
CA LYS B 53 -28.70 -18.38 -3.93
C LYS B 53 -29.24 -18.30 -5.37
N GLY B 54 -28.42 -18.60 -6.37
CA GLY B 54 -28.91 -19.05 -7.66
C GLY B 54 -29.37 -17.96 -8.63
N LEU B 55 -29.29 -16.66 -8.26
CA LEU B 55 -29.81 -15.60 -9.13
C LEU B 55 -28.84 -15.34 -10.29
N GLU B 56 -29.14 -14.32 -11.10
CA GLU B 56 -28.16 -13.85 -12.08
C GLU B 56 -27.15 -12.96 -11.39
N VAL B 57 -26.01 -12.76 -12.08
CA VAL B 57 -24.86 -12.07 -11.53
C VAL B 57 -25.25 -10.66 -11.06
N TYR B 58 -26.07 -9.96 -11.86
CA TYR B 58 -26.26 -8.53 -11.67
C TYR B 58 -27.21 -8.21 -10.50
N GLU B 59 -27.77 -9.23 -9.83
CA GLU B 59 -28.74 -8.98 -8.78
C GLU B 59 -28.05 -8.58 -7.47
N GLY B 60 -26.91 -9.21 -7.17
CA GLY B 60 -26.16 -8.87 -5.98
C GLY B 60 -25.72 -7.40 -5.98
N HIS B 61 -25.48 -6.87 -7.18
CA HIS B 61 -24.97 -5.52 -7.33
C HIS B 61 -26.05 -4.50 -7.00
N LYS B 62 -27.32 -4.93 -7.01
CA LYS B 62 -28.43 -4.03 -6.71
C LYS B 62 -28.41 -3.67 -5.23
N HIS B 63 -27.70 -4.46 -4.40
CA HIS B 63 -27.70 -4.29 -2.96
C HIS B 63 -26.52 -3.44 -2.47
N ILE B 64 -25.63 -3.01 -3.36
CA ILE B 64 -24.40 -2.36 -2.94
C ILE B 64 -24.69 -1.00 -2.29
N ILE B 65 -25.31 -0.10 -3.05
CA ILE B 65 -25.47 1.27 -2.59
C ILE B 65 -26.43 1.35 -1.39
N PRO B 66 -27.56 0.60 -1.34
CA PRO B 66 -28.34 0.52 -0.12
C PRO B 66 -27.53 0.13 1.12
N LYS B 67 -26.80 -1.00 1.04
CA LYS B 67 -26.01 -1.49 2.16
C LYS B 67 -24.98 -0.45 2.62
N LEU B 68 -24.39 0.27 1.66
CA LEU B 68 -23.46 1.32 1.99
C LEU B 68 -24.13 2.42 2.82
N LYS B 69 -25.35 2.82 2.40
CA LYS B 69 -26.08 3.85 3.11
C LYS B 69 -26.35 3.39 4.54
N GLU B 70 -26.74 2.12 4.69
CA GLU B 70 -26.97 1.52 6.00
C GLU B 70 -25.70 1.62 6.86
N ILE B 71 -24.54 1.31 6.27
CA ILE B 71 -23.29 1.34 7.03
C ILE B 71 -22.94 2.76 7.46
N CYS B 72 -23.16 3.74 6.57
CA CYS B 72 -23.01 5.13 6.97
C CYS B 72 -23.83 5.47 8.23
N ASP B 73 -25.06 4.94 8.33
CA ASP B 73 -25.94 5.27 9.46
C ASP B 73 -25.39 4.68 10.75
N ILE B 74 -25.02 3.40 10.73
CA ILE B 74 -24.39 2.75 11.88
C ILE B 74 -23.11 3.49 12.26
N SER B 75 -22.28 3.82 11.25
CA SER B 75 -20.98 4.45 11.49
C SER B 75 -21.18 5.84 12.10
N SER B 76 -22.12 6.59 11.53
CA SER B 76 -22.40 7.93 12.02
C SER B 76 -22.74 7.91 13.51
N LYS B 77 -23.53 6.90 13.94
CA LYS B 77 -23.94 6.79 15.33
C LYS B 77 -22.82 6.30 16.24
N LEU B 78 -21.73 5.74 15.70
CA LEU B 78 -20.63 5.31 16.54
C LEU B 78 -19.55 6.38 16.69
N GLY B 79 -19.66 7.49 15.94
CA GLY B 79 -18.67 8.56 16.02
C GLY B 79 -17.61 8.53 14.89
N ILE B 80 -17.83 7.70 13.86
CA ILE B 80 -16.92 7.63 12.74
C ILE B 80 -17.17 8.84 11.84
N GLN B 81 -16.10 9.46 11.34
CA GLN B 81 -16.18 10.75 10.67
C GLN B 81 -16.03 10.68 9.14
N ILE B 82 -15.32 9.68 8.60
CA ILE B 82 -15.06 9.59 7.16
C ILE B 82 -15.15 8.14 6.72
N ILE B 83 -15.75 7.92 5.54
CA ILE B 83 -15.74 6.60 4.92
C ILE B 83 -15.41 6.77 3.44
N THR B 84 -14.36 6.07 2.98
CA THR B 84 -14.00 6.00 1.57
C THR B 84 -14.31 4.60 1.07
N ALA B 85 -15.12 4.50 0.01
CA ALA B 85 -15.64 3.23 -0.47
C ALA B 85 -15.35 3.07 -1.95
N PHE B 86 -14.88 1.87 -2.33
CA PHE B 86 -14.40 1.56 -3.68
C PHE B 86 -15.57 1.06 -4.53
N ALA B 87 -16.12 1.95 -5.36
CA ALA B 87 -17.36 1.69 -6.09
C ALA B 87 -17.08 1.14 -7.48
N PHE B 88 -16.20 1.80 -8.24
CA PHE B 88 -15.90 1.43 -9.62
C PHE B 88 -14.39 1.56 -9.84
N SER B 89 -13.73 0.40 -9.98
CA SER B 89 -12.29 0.35 -10.16
C SER B 89 -11.94 0.78 -11.58
N THR B 90 -10.82 1.47 -11.69
CA THR B 90 -10.33 1.92 -12.97
C THR B 90 -9.97 0.73 -13.87
N GLU B 91 -9.90 -0.49 -13.32
CA GLU B 91 -9.63 -1.66 -14.14
C GLU B 91 -10.93 -2.28 -14.67
N ASN B 92 -12.10 -1.74 -14.32
CA ASN B 92 -13.36 -2.32 -14.76
C ASN B 92 -13.61 -2.04 -16.25
N TRP B 93 -12.86 -1.12 -16.86
CA TRP B 93 -12.96 -0.90 -18.30
C TRP B 93 -12.55 -2.15 -19.07
N LYS B 94 -11.84 -3.07 -18.41
CA LYS B 94 -11.42 -4.32 -19.03
C LYS B 94 -12.56 -5.34 -19.09
N ARG B 95 -13.68 -5.09 -18.39
CA ARG B 95 -14.85 -5.94 -18.53
C ARG B 95 -15.47 -5.73 -19.91
N SER B 96 -16.42 -6.60 -20.25
CA SER B 96 -17.19 -6.45 -21.47
C SER B 96 -17.84 -5.07 -21.50
N LYS B 97 -17.87 -4.44 -22.68
CA LYS B 97 -18.55 -3.17 -22.88
C LYS B 97 -19.98 -3.24 -22.33
N GLU B 98 -20.59 -4.42 -22.31
CA GLU B 98 -21.94 -4.55 -21.77
C GLU B 98 -21.91 -4.48 -20.25
N GLU B 99 -21.02 -5.24 -19.60
CA GLU B 99 -20.96 -5.31 -18.15
C GLU B 99 -20.68 -3.92 -17.56
N VAL B 100 -19.75 -3.19 -18.16
CA VAL B 100 -19.35 -1.88 -17.65
C VAL B 100 -20.50 -0.88 -17.86
N ASP B 101 -21.10 -0.88 -19.05
CA ASP B 101 -22.19 0.05 -19.37
C ASP B 101 -23.38 -0.20 -18.45
N PHE B 102 -23.59 -1.46 -18.04
CA PHE B 102 -24.63 -1.75 -17.07
C PHE B 102 -24.26 -1.20 -15.68
N LEU B 103 -22.98 -1.34 -15.29
CA LEU B 103 -22.54 -0.95 -13.96
C LEU B 103 -22.59 0.57 -13.81
N LEU B 104 -22.25 1.33 -14.86
CA LEU B 104 -22.31 2.78 -14.78
C LEU B 104 -23.75 3.27 -14.73
N SER B 105 -24.67 2.55 -15.40
CA SER B 105 -26.09 2.89 -15.33
C SER B 105 -26.64 2.53 -13.96
N LEU B 106 -26.35 1.31 -13.48
CA LEU B 106 -26.80 0.87 -12.16
C LEU B 106 -26.38 1.89 -11.10
N PHE B 107 -25.19 2.49 -11.30
CA PHE B 107 -24.65 3.39 -10.29
C PHE B 107 -25.36 4.74 -10.36
N GLU B 108 -25.57 5.28 -11.56
CA GLU B 108 -26.22 6.57 -11.70
C GLU B 108 -27.63 6.51 -11.08
N ARG B 109 -28.34 5.39 -11.29
CA ARG B 109 -29.65 5.20 -10.71
C ARG B 109 -29.58 5.19 -9.18
N SER B 110 -28.70 4.33 -8.64
CA SER B 110 -28.53 4.17 -7.20
C SER B 110 -28.26 5.50 -6.51
N LEU B 111 -27.48 6.38 -7.16
CA LEU B 111 -27.07 7.63 -6.53
C LEU B 111 -28.29 8.53 -6.31
N LYS B 112 -29.22 8.60 -7.28
CA LYS B 112 -30.34 9.52 -7.17
C LYS B 112 -31.40 8.98 -6.22
N THR B 113 -31.47 7.64 -6.09
CA THR B 113 -32.35 7.03 -5.11
C THR B 113 -31.90 7.41 -3.70
N GLU B 114 -30.61 7.19 -3.42
CA GLU B 114 -30.11 7.29 -2.06
C GLU B 114 -29.57 8.69 -1.76
N PHE B 115 -29.61 9.59 -2.74
CA PHE B 115 -29.11 10.94 -2.53
C PHE B 115 -29.77 11.54 -1.29
N GLN B 116 -31.10 11.58 -1.34
CA GLN B 116 -31.86 12.29 -0.34
C GLN B 116 -31.58 11.67 1.02
N ASN B 117 -31.64 10.34 1.12
CA ASN B 117 -31.50 9.65 2.39
C ASN B 117 -30.23 10.10 3.14
N LEU B 118 -29.12 10.22 2.42
CA LEU B 118 -27.86 10.58 3.04
C LEU B 118 -27.87 12.08 3.34
N ALA B 119 -28.26 12.90 2.34
CA ALA B 119 -28.23 14.35 2.51
C ALA B 119 -29.11 14.80 3.68
N LYS B 120 -30.29 14.19 3.82
CA LYS B 120 -31.21 14.50 4.90
C LYS B 120 -30.57 14.29 6.27
N ASN B 121 -29.73 13.24 6.38
N ASN B 121 -29.76 13.22 6.38
CA ASN B 121 -29.10 12.92 7.65
CA ASN B 121 -29.07 12.87 7.61
C ASN B 121 -27.75 13.65 7.76
C ASN B 121 -27.76 13.64 7.74
N ASN B 122 -27.61 14.73 6.98
CA ASN B 122 -26.49 15.66 7.12
C ASN B 122 -25.16 15.06 6.63
N VAL B 123 -25.20 14.10 5.71
CA VAL B 123 -23.97 13.52 5.18
C VAL B 123 -23.44 14.39 4.05
N ARG B 124 -22.12 14.58 4.02
CA ARG B 124 -21.47 15.24 2.91
C ARG B 124 -20.90 14.20 1.95
N ILE B 125 -21.00 14.42 0.63
CA ILE B 125 -20.64 13.43 -0.38
C ILE B 125 -19.64 14.02 -1.37
N SER B 126 -18.54 13.28 -1.58
CA SER B 126 -17.53 13.58 -2.61
C SER B 126 -17.28 12.33 -3.45
N ILE B 127 -16.85 12.58 -4.70
CA ILE B 127 -16.49 11.55 -5.65
C ILE B 127 -15.01 11.73 -5.98
N ILE B 128 -14.23 10.64 -5.95
CA ILE B 128 -12.87 10.69 -6.46
C ILE B 128 -12.75 9.72 -7.62
N GLY B 129 -11.93 10.09 -8.61
CA GLY B 129 -11.78 9.32 -9.83
C GLY B 129 -11.73 10.21 -11.05
N CYS B 130 -11.50 9.62 -12.22
CA CYS B 130 -11.47 10.38 -13.46
C CYS B 130 -12.90 10.54 -14.00
N LYS B 131 -13.51 11.70 -13.72
CA LYS B 131 -14.93 11.91 -13.98
C LYS B 131 -15.20 12.16 -15.47
N SER B 132 -14.23 12.76 -16.17
CA SER B 132 -14.38 13.11 -17.58
C SER B 132 -14.52 11.88 -18.49
N ASP B 133 -14.17 10.66 -18.02
CA ASP B 133 -14.46 9.45 -18.78
C ASP B 133 -15.91 8.96 -18.63
N LEU B 134 -16.69 9.52 -17.70
CA LEU B 134 -17.99 8.96 -17.40
C LEU B 134 -19.05 9.51 -18.34
N PRO B 135 -20.21 8.82 -18.49
CA PRO B 135 -21.35 9.39 -19.21
C PRO B 135 -21.72 10.79 -18.72
N MET B 136 -22.18 11.63 -19.65
CA MET B 136 -22.43 13.04 -19.34
C MET B 136 -23.53 13.20 -18.28
N THR B 137 -24.55 12.33 -18.29
CA THR B 137 -25.58 12.38 -17.29
C THR B 137 -25.02 12.09 -15.89
N LEU B 138 -24.08 11.13 -15.80
CA LEU B 138 -23.48 10.79 -14.51
C LEU B 138 -22.62 11.95 -14.02
N GLN B 139 -21.91 12.62 -14.95
CA GLN B 139 -21.09 13.76 -14.58
C GLN B 139 -21.97 14.84 -13.96
N LYS B 140 -23.12 15.13 -14.56
CA LYS B 140 -23.95 16.23 -14.10
C LYS B 140 -24.53 15.90 -12.73
N CYS B 141 -24.95 14.64 -12.55
CA CYS B 141 -25.53 14.21 -11.28
C CYS B 141 -24.50 14.27 -10.16
N ILE B 142 -23.23 13.93 -10.47
CA ILE B 142 -22.16 13.94 -9.49
C ILE B 142 -21.89 15.39 -9.05
N ALA B 143 -21.78 16.31 -10.00
CA ALA B 143 -21.44 17.69 -9.67
C ALA B 143 -22.55 18.31 -8.81
N LEU B 144 -23.81 17.98 -9.13
CA LEU B 144 -24.94 18.45 -8.33
C LEU B 144 -24.87 17.90 -6.91
N THR B 145 -24.65 16.58 -6.79
CA THR B 145 -24.57 15.93 -5.49
C THR B 145 -23.49 16.56 -4.63
N GLU B 146 -22.33 16.84 -5.22
CA GLU B 146 -21.23 17.39 -4.45
C GLU B 146 -21.57 18.80 -3.97
N GLU B 147 -22.19 19.61 -4.84
CA GLU B 147 -22.44 21.00 -4.51
C GLU B 147 -23.50 21.17 -3.43
N THR B 148 -24.57 20.40 -3.49
CA THR B 148 -25.67 20.54 -2.55
C THR B 148 -25.34 19.94 -1.19
N THR B 149 -24.32 19.07 -1.08
CA THR B 149 -24.01 18.45 0.21
C THR B 149 -22.71 19.01 0.78
N LYS B 150 -22.06 19.93 0.08
CA LYS B 150 -20.72 20.34 0.47
C LYS B 150 -20.70 21.08 1.80
N GLY B 151 -21.85 21.57 2.27
CA GLY B 151 -21.93 22.30 3.52
C GLY B 151 -22.28 21.42 4.71
N ASN B 152 -22.64 20.14 4.45
CA ASN B 152 -23.16 19.27 5.48
C ASN B 152 -22.07 18.94 6.50
N LYS B 153 -22.49 18.71 7.75
CA LYS B 153 -21.59 18.67 8.90
C LYS B 153 -21.57 17.29 9.55
N GLY B 154 -22.27 16.31 8.94
CA GLY B 154 -22.23 14.97 9.51
C GLY B 154 -21.05 14.18 8.97
N LEU B 155 -21.29 12.90 8.71
CA LEU B 155 -20.26 12.01 8.18
C LEU B 155 -19.90 12.44 6.75
N HIS B 156 -18.62 12.28 6.43
CA HIS B 156 -18.11 12.57 5.10
C HIS B 156 -17.99 11.26 4.33
N LEU B 157 -18.79 11.12 3.27
CA LEU B 157 -18.76 9.91 2.45
C LEU B 157 -18.03 10.21 1.14
N VAL B 158 -16.94 9.46 0.91
CA VAL B 158 -16.12 9.59 -0.28
C VAL B 158 -16.28 8.34 -1.13
N ILE B 159 -16.74 8.53 -2.37
CA ILE B 159 -17.01 7.44 -3.28
C ILE B 159 -15.93 7.42 -4.35
N ALA B 160 -15.20 6.31 -4.43
CA ALA B 160 -14.17 6.14 -5.43
C ALA B 160 -14.80 5.53 -6.68
N LEU B 161 -14.89 6.32 -7.75
CA LEU B 161 -15.61 5.96 -8.96
C LEU B 161 -14.73 6.25 -10.16
N ASN B 162 -14.31 5.20 -10.87
CA ASN B 162 -13.29 5.28 -11.89
C ASN B 162 -11.97 5.75 -11.24
N TYR B 163 -11.62 5.11 -10.11
CA TYR B 163 -10.48 5.53 -9.33
C TYR B 163 -9.49 4.37 -9.20
N GLY B 164 -8.22 4.72 -8.99
CA GLY B 164 -7.23 3.74 -8.62
C GLY B 164 -6.03 4.38 -7.93
N GLY B 165 -5.30 3.54 -7.20
CA GLY B 165 -4.08 3.97 -6.53
C GLY B 165 -3.04 4.52 -7.50
N TYR B 166 -2.80 3.82 -8.60
CA TYR B 166 -1.85 4.30 -9.59
C TYR B 166 -2.29 5.66 -10.13
N TYR B 167 -3.58 5.77 -10.48
CA TYR B 167 -4.17 6.97 -11.05
C TYR B 167 -3.94 8.18 -10.14
N ASP B 168 -4.19 8.01 -8.83
CA ASP B 168 -4.06 9.13 -7.89
C ASP B 168 -2.62 9.63 -7.85
N ILE B 169 -1.64 8.72 -7.78
CA ILE B 169 -0.24 9.11 -7.71
C ILE B 169 0.18 9.79 -9.02
N LEU B 170 -0.30 9.27 -10.16
CA LEU B 170 0.04 9.87 -11.45
C LEU B 170 -0.54 11.27 -11.64
N GLN B 171 -1.84 11.48 -11.32
CA GLN B 171 -2.43 12.81 -11.49
C GLN B 171 -1.73 13.80 -10.56
N ALA B 172 -1.36 13.37 -9.35
CA ALA B 172 -0.61 14.23 -8.45
C ALA B 172 0.76 14.58 -9.04
N THR B 173 1.44 13.61 -9.66
CA THR B 173 2.75 13.84 -10.26
C THR B 173 2.65 14.86 -11.41
N LYS B 174 1.65 14.72 -12.27
CA LYS B 174 1.48 15.64 -13.37
C LYS B 174 1.22 17.06 -12.88
N SER B 175 0.39 17.20 -11.84
CA SER B 175 0.10 18.51 -11.28
C SER B 175 1.41 19.13 -10.76
N ILE B 176 2.24 18.34 -10.10
CA ILE B 176 3.48 18.86 -9.54
C ILE B 176 4.42 19.29 -10.67
N VAL B 177 4.50 18.46 -11.72
CA VAL B 177 5.37 18.80 -12.85
C VAL B 177 4.87 20.08 -13.50
N ASN B 178 3.56 20.18 -13.68
CA ASN B 178 2.93 21.40 -14.19
C ASN B 178 3.35 22.66 -13.41
N LYS B 179 3.29 22.61 -12.08
CA LYS B 179 3.65 23.77 -11.27
C LYS B 179 5.14 24.09 -11.41
N ALA B 180 6.00 23.08 -11.45
CA ALA B 180 7.43 23.31 -11.63
C ALA B 180 7.72 24.02 -12.96
N MET B 181 6.99 23.64 -14.01
CA MET B 181 7.16 24.22 -15.33
C MET B 181 6.73 25.70 -15.36
N ASN B 182 5.90 26.13 -14.39
CA ASN B 182 5.40 27.50 -14.36
C ASN B 182 6.13 28.34 -13.32
N GLY B 183 7.24 27.82 -12.78
CA GLY B 183 8.04 28.55 -11.81
C GLY B 183 7.43 28.61 -10.40
N LEU B 184 6.35 27.86 -10.14
CA LEU B 184 5.63 27.95 -8.87
C LEU B 184 6.22 27.05 -7.79
N LEU B 185 7.19 26.19 -8.11
CA LEU B 185 7.79 25.34 -7.11
C LEU B 185 9.13 24.82 -7.64
N ASP B 186 10.04 24.51 -6.72
CA ASP B 186 11.37 24.02 -7.05
C ASP B 186 11.45 22.54 -6.70
N VAL B 187 12.29 21.79 -7.42
CA VAL B 187 12.36 20.35 -7.26
C VAL B 187 12.66 19.96 -5.80
N GLU B 188 13.40 20.78 -5.04
CA GLU B 188 13.75 20.45 -3.65
C GLU B 188 12.62 20.80 -2.67
N ASP B 189 11.54 21.42 -3.14
CA ASP B 189 10.37 21.65 -2.29
C ASP B 189 9.48 20.39 -2.21
N ILE B 190 9.79 19.36 -3.01
CA ILE B 190 8.90 18.21 -3.11
C ILE B 190 9.13 17.30 -1.92
N ASN B 191 8.11 17.18 -1.06
CA ASN B 191 8.19 16.36 0.13
C ASN B 191 6.83 15.72 0.38
N LYS B 192 6.72 14.99 1.49
CA LYS B 192 5.54 14.21 1.83
C LYS B 192 4.31 15.12 1.92
N ASN B 193 4.44 16.25 2.61
N ASN B 193 4.41 16.27 2.60
CA ASN B 193 3.32 17.16 2.83
CA ASN B 193 3.23 17.10 2.81
C ASN B 193 2.84 17.75 1.51
C ASN B 193 2.82 17.79 1.52
N LEU B 194 3.77 18.17 0.65
CA LEU B 194 3.40 18.75 -0.62
C LEU B 194 2.67 17.72 -1.49
N PHE B 195 3.23 16.51 -1.63
CA PHE B 195 2.63 15.47 -2.45
C PHE B 195 1.24 15.15 -1.95
N ASP B 196 1.08 15.11 -0.62
CA ASP B 196 -0.21 14.76 -0.02
C ASP B 196 -1.32 15.75 -0.40
N GLN B 197 -1.01 17.05 -0.42
N GLN B 197 -1.01 17.05 -0.42
CA GLN B 197 -2.00 18.05 -0.78
CA GLN B 197 -2.00 18.05 -0.77
C GLN B 197 -2.45 17.92 -2.23
C GLN B 197 -2.47 17.89 -2.22
N GLU B 198 -1.65 17.25 -3.09
CA GLU B 198 -2.02 17.10 -4.51
C GLU B 198 -2.85 15.84 -4.81
N LEU B 199 -2.98 14.93 -3.83
CA LEU B 199 -3.73 13.71 -4.08
C LEU B 199 -5.23 13.97 -3.91
N GLU B 200 -6.07 13.10 -4.50
CA GLU B 200 -7.52 13.22 -4.40
C GLU B 200 -8.02 12.76 -3.03
N SER B 201 -7.41 11.71 -2.46
CA SER B 201 -7.72 11.26 -1.11
C SER B 201 -6.64 11.73 -0.17
N LYS B 202 -6.98 12.65 0.73
CA LYS B 202 -5.96 13.35 1.52
C LYS B 202 -6.08 13.02 2.99
N CYS B 203 -5.15 13.57 3.78
CA CYS B 203 -5.12 13.48 5.22
C CYS B 203 -6.42 13.97 5.83
N PRO B 204 -6.94 13.36 6.92
CA PRO B 204 -6.36 12.16 7.55
C PRO B 204 -6.68 10.84 6.85
N ASN B 205 -5.69 9.96 6.76
CA ASN B 205 -5.77 8.73 5.97
C ASN B 205 -6.58 7.70 6.73
N PRO B 206 -7.04 6.60 6.08
CA PRO B 206 -7.77 5.54 6.78
C PRO B 206 -6.99 4.88 7.91
N ASP B 207 -7.63 4.79 9.08
CA ASP B 207 -7.12 4.07 10.25
C ASP B 207 -7.40 2.56 10.14
N LEU B 208 -8.45 2.18 9.40
CA LEU B 208 -8.87 0.79 9.30
C LEU B 208 -9.39 0.55 7.88
N LEU B 209 -9.03 -0.59 7.31
CA LEU B 209 -9.52 -0.96 5.99
C LEU B 209 -10.26 -2.29 6.10
N ILE B 210 -11.46 -2.36 5.53
CA ILE B 210 -12.30 -3.54 5.59
C ILE B 210 -12.56 -3.98 4.16
N ARG B 211 -12.12 -5.20 3.84
CA ARG B 211 -12.48 -5.84 2.59
C ARG B 211 -13.29 -7.11 2.91
N THR B 212 -14.52 -7.14 2.39
CA THR B 212 -15.40 -8.29 2.49
C THR B 212 -15.17 -9.21 1.31
N GLY B 213 -15.55 -10.48 1.46
CA GLY B 213 -15.56 -11.41 0.33
C GLY B 213 -14.42 -12.41 0.33
N GLY B 214 -13.52 -12.37 1.32
CA GLY B 214 -12.51 -13.40 1.50
C GLY B 214 -11.11 -13.12 0.92
N GLU B 215 -10.99 -12.27 -0.10
CA GLU B 215 -9.69 -12.00 -0.71
C GLU B 215 -8.84 -11.14 0.21
N GLN B 216 -7.52 -11.31 0.13
CA GLN B 216 -6.58 -10.63 1.01
C GLN B 216 -5.59 -9.81 0.18
N ARG B 217 -6.13 -8.83 -0.56
CA ARG B 217 -5.41 -7.90 -1.40
C ARG B 217 -6.11 -6.54 -1.33
N VAL B 218 -5.49 -5.53 -1.95
CA VAL B 218 -6.04 -4.18 -1.99
C VAL B 218 -6.54 -3.85 -3.41
N SER B 219 -6.09 -4.59 -4.42
CA SER B 219 -6.58 -4.40 -5.78
C SER B 219 -6.55 -2.94 -6.22
N ASN B 220 -5.44 -2.24 -5.96
CA ASN B 220 -5.18 -0.92 -6.53
C ASN B 220 -6.21 0.11 -6.05
N PHE B 221 -6.46 0.11 -4.75
CA PHE B 221 -7.35 1.06 -4.10
C PHE B 221 -6.60 1.78 -2.97
N LEU B 222 -6.04 2.94 -3.23
CA LEU B 222 -5.40 3.75 -2.18
C LEU B 222 -4.03 3.18 -1.84
N LEU B 223 -3.01 3.42 -2.66
CA LEU B 223 -1.69 2.89 -2.34
C LEU B 223 -1.01 3.78 -1.29
N TRP B 224 -0.82 5.05 -1.60
CA TRP B 224 -0.12 5.99 -0.73
C TRP B 224 -0.80 6.12 0.61
N GLN B 225 -2.15 6.12 0.62
CA GLN B 225 -2.90 6.45 1.81
C GLN B 225 -2.89 5.32 2.83
N LEU B 226 -2.46 4.11 2.49
CA LEU B 226 -2.58 2.96 3.35
C LEU B 226 -1.26 2.61 4.06
N ALA B 227 -0.29 3.53 4.10
CA ALA B 227 1.01 3.23 4.65
C ALA B 227 0.97 2.70 6.08
N TYR B 228 0.04 3.20 6.90
CA TYR B 228 0.00 2.83 8.32
C TYR B 228 -1.35 2.24 8.72
N THR B 229 -2.22 1.99 7.73
CA THR B 229 -3.56 1.49 7.98
C THR B 229 -3.52 0.07 8.54
N GLU B 230 -4.42 -0.20 9.49
CA GLU B 230 -4.72 -1.56 9.92
C GLU B 230 -5.60 -2.28 8.89
N PHE B 231 -5.26 -3.54 8.58
CA PHE B 231 -5.98 -4.33 7.61
C PHE B 231 -6.85 -5.38 8.30
N TYR B 232 -8.13 -5.42 7.91
CA TYR B 232 -9.08 -6.40 8.43
C TYR B 232 -9.79 -7.04 7.25
N PHE B 233 -9.58 -8.35 7.07
CA PHE B 233 -10.22 -9.09 5.98
C PHE B 233 -11.24 -10.06 6.56
N THR B 234 -12.41 -10.17 5.91
CA THR B 234 -13.46 -11.04 6.40
C THR B 234 -14.08 -11.79 5.24
N ASN B 235 -14.61 -12.99 5.56
CA ASN B 235 -15.17 -13.86 4.55
C ASN B 235 -16.64 -13.55 4.29
N THR B 236 -17.29 -12.81 5.20
CA THR B 236 -18.65 -12.34 4.95
C THR B 236 -18.71 -11.67 3.59
N LEU B 237 -19.72 -12.05 2.78
CA LEU B 237 -19.98 -11.37 1.53
C LEU B 237 -20.63 -10.02 1.86
N PHE B 238 -20.45 -9.02 0.99
CA PHE B 238 -20.89 -7.67 1.28
C PHE B 238 -22.40 -7.63 1.57
N PRO B 239 -23.29 -8.26 0.75
CA PRO B 239 -24.72 -8.20 1.03
C PRO B 239 -25.15 -8.75 2.40
N ASP B 240 -24.32 -9.61 3.01
CA ASP B 240 -24.64 -10.18 4.31
C ASP B 240 -23.97 -9.41 5.44
N PHE B 241 -23.35 -8.26 5.15
CA PHE B 241 -22.50 -7.57 6.11
C PHE B 241 -23.34 -6.58 6.91
N GLY B 242 -23.47 -6.81 8.22
CA GLY B 242 -24.34 -5.97 9.04
C GLY B 242 -23.60 -5.32 10.21
N GLU B 243 -24.39 -4.69 11.09
CA GLU B 243 -23.87 -3.93 12.21
C GLU B 243 -23.00 -4.82 13.12
N GLU B 244 -23.38 -6.08 13.28
CA GLU B 244 -22.64 -6.95 14.17
C GLU B 244 -21.22 -7.17 13.60
N ASP B 245 -21.15 -7.46 12.29
CA ASP B 245 -19.87 -7.61 11.62
C ASP B 245 -19.05 -6.32 11.69
N LEU B 246 -19.70 -5.16 11.64
CA LEU B 246 -19.01 -3.88 11.70
C LEU B 246 -18.40 -3.67 13.08
N LYS B 247 -19.19 -3.86 14.14
CA LYS B 247 -18.70 -3.66 15.50
C LYS B 247 -17.65 -4.72 15.83
N GLU B 248 -17.76 -5.90 15.21
CA GLU B 248 -16.74 -6.92 15.33
C GLU B 248 -15.39 -6.36 14.86
N ALA B 249 -15.39 -5.72 13.68
CA ALA B 249 -14.17 -5.20 13.09
C ALA B 249 -13.62 -4.04 13.91
N ILE B 250 -14.50 -3.16 14.42
CA ILE B 250 -14.06 -2.10 15.30
C ILE B 250 -13.44 -2.71 16.56
N MET B 251 -14.10 -3.74 17.09
CA MET B 251 -13.66 -4.39 18.32
C MET B 251 -12.27 -4.97 18.06
N ASN B 252 -12.12 -5.62 16.90
CA ASN B 252 -10.84 -6.17 16.46
C ASN B 252 -9.77 -5.08 16.42
N PHE B 253 -10.10 -3.93 15.81
CA PHE B 253 -9.17 -2.80 15.68
C PHE B 253 -8.71 -2.33 17.05
N GLN B 254 -9.62 -2.32 18.02
CA GLN B 254 -9.31 -1.84 19.36
C GLN B 254 -8.40 -2.83 20.09
N GLN B 255 -8.41 -4.10 19.70
CA GLN B 255 -7.54 -5.09 20.30
C GLN B 255 -6.09 -4.76 19.98
N ARG B 256 -5.81 -4.50 18.70
CA ARG B 256 -4.45 -4.33 18.18
C ARG B 256 -3.75 -3.13 18.82
N HIS B 257 -4.52 -2.07 19.14
CA HIS B 257 -3.95 -0.89 19.78
C HIS B 257 -3.59 -1.22 21.23
N ARG B 258 -4.22 -2.27 21.79
CA ARG B 258 -3.95 -2.69 23.15
C ARG B 258 -2.65 -3.50 23.25
N ARG B 259 -2.17 -4.03 22.10
CA ARG B 259 -0.94 -4.83 22.05
C ARG B 259 0.08 -4.20 21.09
N PHE B 260 0.17 -2.87 21.08
CA PHE B 260 1.12 -2.18 20.23
C PHE B 260 1.30 -0.75 20.72
N GLY B 261 2.51 -0.20 20.50
CA GLY B 261 2.81 1.18 20.85
C GLY B 261 2.44 2.14 19.74
#